data_5T40
#
_entry.id   5T40
#
_cell.length_a   73.368
_cell.length_b   83.732
_cell.length_c   74.999
_cell.angle_alpha   90.000
_cell.angle_beta   113.540
_cell.angle_gamma   90.000
#
_symmetry.space_group_name_H-M   'P 1 21 1'
#
loop_
_entity.id
_entity.type
_entity.pdbx_description
1 polymer 'Nuclease EXOG, mitochondrial'
2 non-polymer 'SULFATE ION'
3 non-polymer 'MAGNESIUM ION'
4 water water
#
_entity_poly.entity_id   1
_entity_poly.type   'polypeptide(L)'
_entity_poly.pdbx_seq_one_letter_code
;MKAVLEQFGFPLTGTEARCYTNHALSYDQAKRVPRWVLEHISKSKIMGDADRKHCKFKPDPNIPPTFSAFNEDYVGSGWS
RGHMAPAGNNKFSSKAMAETFYLSNIVPQDFDNNSGYWNRIEMYCRELTERFEDVWVVSGPLTLPQTRGDGKKIVSYQVI
GEDNVAVPSHLYKVILARRSSVSTEPLALGAFVVPNEAIGFQPQLTEFQVSLQDLEKLSGLVFFPHLDRTSDIRNICSVD
TCKLLDFQEFTLYLSTRKIEGARSVLRLEKIMENLKNAEIEPDDYFMSRYEKKLEELKAKEQSGTQIRKPSHHHHHH
;
_entity_poly.pdbx_strand_id   A,B
#
loop_
_chem_comp.id
_chem_comp.type
_chem_comp.name
_chem_comp.formula
MG non-polymer 'MAGNESIUM ION' 'Mg 2'
SO4 non-polymer 'SULFATE ION' 'O4 S -2'
#
# COMPACT_ATOMS: atom_id res chain seq x y z
N ALA A 3 -1.33 22.22 16.64
CA ALA A 3 -2.29 21.57 17.52
C ALA A 3 -3.68 21.57 16.90
N VAL A 4 -4.04 22.66 16.23
CA VAL A 4 -5.34 22.75 15.58
C VAL A 4 -5.45 21.67 14.51
N LEU A 5 -4.40 21.53 13.69
CA LEU A 5 -4.38 20.56 12.61
C LEU A 5 -4.74 19.16 13.11
N GLU A 6 -4.30 18.81 14.32
CA GLU A 6 -4.42 17.47 14.88
C GLU A 6 -5.65 17.34 15.79
N GLN A 7 -6.50 18.36 15.86
CA GLN A 7 -7.58 18.39 16.85
C GLN A 7 -8.44 17.14 16.81
N PHE A 8 -8.66 16.58 15.63
CA PHE A 8 -9.52 15.40 15.51
C PHE A 8 -8.74 14.19 15.04
N GLY A 9 -7.41 14.23 15.14
CA GLY A 9 -6.56 13.08 14.88
C GLY A 9 -6.05 13.03 13.45
N PHE A 10 -4.83 12.52 13.32
CA PHE A 10 -4.32 12.07 12.02
C PHE A 10 -5.06 10.81 11.57
N PRO A 11 -5.17 10.59 10.26
CA PRO A 11 -5.74 9.32 9.80
C PRO A 11 -4.91 8.15 10.29
N LEU A 12 -5.58 7.03 10.54
CA LEU A 12 -4.94 5.82 11.01
C LEU A 12 -4.69 4.89 9.83
N THR A 13 -3.45 4.44 9.67
CA THR A 13 -3.09 3.50 8.62
C THR A 13 -3.05 2.05 9.09
N GLY A 14 -2.98 1.81 10.40
CA GLY A 14 -3.06 0.47 10.92
C GLY A 14 -1.86 -0.39 10.63
N THR A 15 -0.68 0.20 10.43
CA THR A 15 0.52 -0.54 10.05
C THR A 15 1.40 -0.90 11.23
N GLU A 16 0.98 -0.61 12.46
CA GLU A 16 1.78 -0.95 13.62
C GLU A 16 2.11 -2.43 13.63
N ALA A 17 3.30 -2.76 14.15
CA ALA A 17 3.70 -4.15 14.26
C ALA A 17 2.79 -4.88 15.24
N ARG A 18 2.30 -6.05 14.84
CA ARG A 18 1.45 -6.89 15.64
C ARG A 18 2.22 -8.16 15.97
N CYS A 19 2.36 -8.46 17.25
CA CYS A 19 3.21 -9.57 17.69
C CYS A 19 2.36 -10.73 18.19
N TYR A 20 2.71 -11.93 17.74
CA TYR A 20 2.06 -13.16 18.14
C TYR A 20 3.10 -14.07 18.80
N THR A 21 2.72 -15.32 19.05
CA THR A 21 3.58 -16.19 19.86
C THR A 21 4.92 -16.43 19.18
N ASN A 22 4.92 -16.65 17.86
CA ASN A 22 6.18 -16.92 17.18
C ASN A 22 6.21 -16.26 15.80
N HIS A 23 5.44 -15.19 15.62
CA HIS A 23 5.62 -14.35 14.46
C HIS A 23 5.04 -12.98 14.77
N ALA A 24 5.42 -12.01 13.95
CA ALA A 24 4.92 -10.65 14.02
C ALA A 24 4.65 -10.18 12.61
N LEU A 25 3.72 -9.23 12.46
CA LEU A 25 3.37 -8.76 11.13
C LEU A 25 2.95 -7.31 11.17
N SER A 26 3.03 -6.69 10.01
CA SER A 26 2.42 -5.40 9.73
C SER A 26 1.36 -5.64 8.67
N TYR A 27 0.14 -5.17 8.92
CA TYR A 27 -1.01 -5.48 8.10
C TYR A 27 -1.33 -4.33 7.16
N ASP A 28 -1.78 -4.66 5.95
CA ASP A 28 -2.21 -3.67 4.96
C ASP A 28 -3.74 -3.69 4.93
N GLN A 29 -4.35 -2.66 5.50
CA GLN A 29 -5.81 -2.61 5.64
C GLN A 29 -6.50 -2.39 4.30
N ALA A 30 -5.80 -1.86 3.31
CA ALA A 30 -6.41 -1.63 2.00
C ALA A 30 -6.43 -2.91 1.18
N LYS A 31 -5.36 -3.70 1.25
CA LYS A 31 -5.26 -4.92 0.48
C LYS A 31 -5.74 -6.16 1.24
N ARG A 32 -5.93 -6.04 2.56
CA ARG A 32 -6.43 -7.13 3.40
C ARG A 32 -5.44 -8.30 3.43
N VAL A 33 -4.15 -7.97 3.42
CA VAL A 33 -3.06 -8.95 3.50
C VAL A 33 -1.94 -8.35 4.33
N PRO A 34 -1.05 -9.19 4.87
CA PRO A 34 0.13 -8.63 5.53
C PRO A 34 1.04 -7.92 4.55
N ARG A 35 1.74 -6.89 5.04
CA ARG A 35 2.84 -6.28 4.29
C ARG A 35 4.11 -7.07 4.49
N TRP A 36 4.36 -7.49 5.72
CA TRP A 36 5.50 -8.33 6.06
C TRP A 36 5.11 -9.18 7.24
N VAL A 37 5.71 -10.37 7.31
CA VAL A 37 5.57 -11.27 8.45
C VAL A 37 6.96 -11.75 8.80
N LEU A 38 7.37 -11.51 10.05
CA LEU A 38 8.69 -11.87 10.53
C LEU A 38 8.54 -13.02 11.52
N GLU A 39 9.44 -14.01 11.41
CA GLU A 39 9.43 -15.14 12.31
C GLU A 39 10.87 -15.51 12.66
N HIS A 40 11.00 -16.29 13.72
CA HIS A 40 12.28 -16.85 14.13
C HIS A 40 12.12 -18.36 14.20
N ILE A 41 13.12 -19.08 13.66
CA ILE A 41 13.10 -20.54 13.58
C ILE A 41 14.32 -21.08 14.30
N SER A 42 14.15 -22.20 15.00
CA SER A 42 15.25 -22.95 15.59
C SER A 42 14.91 -24.44 15.57
N LYS A 43 15.93 -25.26 15.81
CA LYS A 43 15.75 -26.71 15.92
C LYS A 43 14.56 -27.07 16.80
N SER A 44 14.43 -26.43 17.96
CA SER A 44 13.43 -26.86 18.93
C SER A 44 12.02 -26.44 18.53
N LYS A 45 11.86 -25.28 17.89
CA LYS A 45 10.53 -24.82 17.53
C LYS A 45 9.87 -25.64 16.42
N ILE A 46 10.65 -26.31 15.57
CA ILE A 46 10.06 -27.06 14.47
C ILE A 46 9.82 -28.50 14.90
N MET A 47 9.96 -28.78 16.19
CA MET A 47 9.65 -30.08 16.76
C MET A 47 8.53 -29.92 17.79
N GLY A 48 7.71 -30.96 17.90
CA GLY A 48 6.61 -30.94 18.84
C GLY A 48 5.35 -31.58 18.30
N ASP A 49 4.28 -31.56 19.08
CA ASP A 49 3.08 -32.32 18.75
C ASP A 49 1.93 -31.44 18.28
N ALA A 50 2.18 -30.16 18.01
CA ALA A 50 1.12 -29.31 17.44
C ALA A 50 0.73 -29.84 16.07
N ASP A 51 -0.58 -29.97 15.84
CA ASP A 51 -1.11 -30.66 14.67
C ASP A 51 -1.81 -29.66 13.77
N ARG A 52 -1.29 -29.51 12.56
CA ARG A 52 -1.87 -28.57 11.59
C ARG A 52 -3.31 -28.92 11.25
N LYS A 53 -3.70 -30.20 11.35
CA LYS A 53 -5.03 -30.62 10.97
C LYS A 53 -6.10 -30.11 11.93
N HIS A 54 -5.73 -29.73 13.14
CA HIS A 54 -6.68 -29.15 14.09
C HIS A 54 -6.91 -27.66 13.89
N CYS A 55 -6.10 -27.00 13.08
CA CYS A 55 -6.19 -25.55 12.98
C CYS A 55 -7.26 -25.11 11.99
N LYS A 56 -7.82 -23.93 12.24
CA LYS A 56 -8.83 -23.33 11.37
C LYS A 56 -8.36 -21.94 10.93
N PHE A 57 -8.52 -21.64 9.65
CA PHE A 57 -8.41 -20.27 9.22
C PHE A 57 -9.55 -19.46 9.83
N LYS A 58 -9.23 -18.27 10.32
CA LYS A 58 -10.24 -17.36 10.85
C LYS A 58 -9.73 -15.95 10.72
N PRO A 59 -10.61 -14.95 10.73
CA PRO A 59 -10.14 -13.57 10.78
C PRO A 59 -9.37 -13.35 12.07
N ASP A 60 -8.31 -12.57 11.97
CA ASP A 60 -7.56 -12.18 13.15
C ASP A 60 -8.46 -11.39 14.07
N PRO A 61 -8.66 -11.81 15.33
CA PRO A 61 -9.56 -11.07 16.22
C PRO A 61 -9.09 -9.66 16.54
N ASN A 62 -7.83 -9.34 16.26
CA ASN A 62 -7.27 -8.03 16.57
C ASN A 62 -7.44 -7.02 15.44
N ILE A 63 -7.88 -7.46 14.25
CA ILE A 63 -8.01 -6.57 13.09
C ILE A 63 -9.43 -6.02 13.08
N PRO A 64 -9.64 -4.72 12.92
CA PRO A 64 -11.01 -4.23 12.75
C PRO A 64 -11.73 -5.01 11.66
N PRO A 65 -12.92 -5.53 11.92
CA PRO A 65 -13.62 -6.32 10.91
C PRO A 65 -13.74 -5.62 9.57
N THR A 66 -13.88 -4.30 9.54
CA THR A 66 -14.03 -3.61 8.27
C THR A 66 -12.80 -3.77 7.37
N PHE A 67 -11.65 -4.09 7.94
CA PHE A 67 -10.41 -4.25 7.18
C PHE A 67 -9.91 -5.68 7.12
N SER A 68 -10.66 -6.63 7.66
CA SER A 68 -10.24 -8.02 7.69
C SER A 68 -10.69 -8.76 6.44
N ALA A 69 -9.91 -9.76 6.05
CA ALA A 69 -10.40 -10.76 5.11
C ALA A 69 -11.22 -11.79 5.87
N PHE A 70 -12.02 -12.54 5.12
CA PHE A 70 -12.80 -13.63 5.69
C PHE A 70 -12.67 -14.84 4.78
N ASN A 71 -12.92 -16.02 5.34
CA ASN A 71 -12.78 -17.24 4.55
C ASN A 71 -13.63 -17.18 3.28
N GLU A 72 -14.79 -16.52 3.34
CA GLU A 72 -15.66 -16.38 2.18
C GLU A 72 -14.95 -15.69 1.02
N ASP A 73 -13.93 -14.87 1.29
CA ASP A 73 -13.21 -14.20 0.21
C ASP A 73 -12.34 -15.17 -0.57
N TYR A 74 -11.85 -16.21 0.10
CA TYR A 74 -10.89 -17.13 -0.48
C TYR A 74 -11.56 -18.37 -1.07
N VAL A 75 -12.55 -18.94 -0.38
CA VAL A 75 -13.09 -20.24 -0.78
C VAL A 75 -13.83 -20.08 -2.10
N GLY A 76 -13.43 -20.85 -3.10
CA GLY A 76 -14.02 -20.77 -4.42
C GLY A 76 -13.48 -19.65 -5.28
N SER A 77 -12.40 -18.99 -4.84
CA SER A 77 -11.83 -17.87 -5.57
C SER A 77 -10.87 -18.30 -6.67
N GLY A 78 -10.42 -19.55 -6.66
CA GLY A 78 -9.32 -19.99 -7.48
C GLY A 78 -7.95 -19.81 -6.85
N TRP A 79 -7.89 -19.24 -5.66
CA TRP A 79 -6.65 -18.98 -4.95
C TRP A 79 -6.69 -19.67 -3.59
N SER A 80 -5.54 -20.16 -3.17
CA SER A 80 -5.43 -20.80 -1.87
C SER A 80 -5.05 -19.78 -0.80
N ARG A 81 -5.34 -20.13 0.44
CA ARG A 81 -4.92 -19.37 1.60
C ARG A 81 -3.47 -19.72 1.88
N GLY A 82 -2.55 -18.81 1.55
CA GLY A 82 -1.14 -19.05 1.71
C GLY A 82 -0.56 -18.41 2.95
N HIS A 83 -0.03 -19.26 3.85
CA HIS A 83 0.71 -18.81 5.02
C HIS A 83 1.97 -18.06 4.63
N MET A 84 2.22 -16.93 5.28
CA MET A 84 3.53 -16.29 5.21
C MET A 84 4.45 -16.90 6.27
N ALA A 85 4.08 -16.79 7.54
CA ALA A 85 4.68 -17.64 8.56
C ALA A 85 4.02 -19.02 8.50
N PRO A 86 4.76 -20.09 8.19
CA PRO A 86 4.13 -21.39 7.99
C PRO A 86 3.79 -22.11 9.28
N ALA A 87 2.72 -22.90 9.22
CA ALA A 87 2.34 -23.74 10.34
C ALA A 87 3.50 -24.63 10.78
N GLY A 88 4.23 -25.20 9.81
CA GLY A 88 5.28 -26.15 10.11
C GLY A 88 6.46 -25.60 10.88
N ASN A 89 6.58 -24.27 10.98
CA ASN A 89 7.60 -23.65 11.81
C ASN A 89 7.19 -23.59 13.27
N ASN A 90 6.02 -24.12 13.63
CA ASN A 90 5.47 -23.93 14.97
C ASN A 90 4.95 -25.22 15.55
N LYS A 91 5.66 -26.32 15.29
CA LYS A 91 5.30 -27.61 15.90
C LYS A 91 5.39 -27.58 17.42
N PHE A 92 6.21 -26.68 17.97
CA PHE A 92 6.42 -26.64 19.41
C PHE A 92 5.22 -26.09 20.18
N SER A 93 4.29 -25.41 19.52
CA SER A 93 3.26 -24.67 20.23
C SER A 93 1.96 -24.69 19.44
N SER A 94 0.92 -25.29 20.02
CA SER A 94 -0.39 -25.27 19.37
C SER A 94 -0.93 -23.86 19.24
N LYS A 95 -0.66 -23.02 20.23
CA LYS A 95 -1.10 -21.62 20.16
C LYS A 95 -0.38 -20.90 19.02
N ALA A 96 0.94 -21.05 18.95
CA ALA A 96 1.70 -20.38 17.88
C ALA A 96 1.19 -20.81 16.51
N MET A 97 0.98 -22.12 16.33
CA MET A 97 0.50 -22.61 15.04
C MET A 97 -0.87 -22.04 14.70
N ALA A 98 -1.79 -22.05 15.67
CA ALA A 98 -3.13 -21.54 15.42
C ALA A 98 -3.11 -20.08 14.97
N GLU A 99 -2.21 -19.28 15.54
CA GLU A 99 -2.14 -17.88 15.16
C GLU A 99 -1.65 -17.71 13.72
N THR A 100 -0.88 -18.66 13.18
CA THR A 100 -0.51 -18.57 11.77
C THR A 100 -1.70 -18.80 10.84
N PHE A 101 -2.80 -19.32 11.36
CA PHE A 101 -4.01 -19.46 10.57
C PHE A 101 -4.94 -18.26 10.68
N TYR A 102 -4.60 -17.25 11.48
CA TYR A 102 -5.28 -15.98 11.37
C TYR A 102 -5.06 -15.42 9.97
N LEU A 103 -6.12 -14.88 9.37
CA LEU A 103 -6.00 -14.42 7.99
C LEU A 103 -5.08 -13.22 7.84
N SER A 104 -4.67 -12.60 8.94
CA SER A 104 -3.65 -11.55 8.88
C SER A 104 -2.29 -12.07 8.42
N ASN A 105 -2.06 -13.38 8.49
CA ASN A 105 -0.84 -14.04 8.02
C ASN A 105 -0.98 -14.61 6.61
N ILE A 106 -2.11 -14.39 5.94
CA ILE A 106 -2.49 -15.14 4.75
C ILE A 106 -2.60 -14.23 3.55
N VAL A 107 -2.10 -14.70 2.41
CA VAL A 107 -2.31 -14.04 1.13
C VAL A 107 -2.93 -15.05 0.17
N PRO A 108 -3.64 -14.58 -0.86
CA PRO A 108 -4.10 -15.48 -1.94
C PRO A 108 -2.91 -16.03 -2.72
N GLN A 109 -2.76 -17.35 -2.69
CA GLN A 109 -1.57 -17.98 -3.26
C GLN A 109 -1.98 -19.06 -4.25
N ASP A 110 -1.29 -19.08 -5.37
CA ASP A 110 -1.47 -20.12 -6.36
C ASP A 110 -1.30 -21.48 -5.69
N PHE A 111 -2.25 -22.39 -5.94
CA PHE A 111 -2.27 -23.68 -5.27
C PHE A 111 -0.97 -24.45 -5.48
N ASP A 112 -0.49 -24.50 -6.73
CA ASP A 112 0.73 -25.24 -7.02
C ASP A 112 1.95 -24.58 -6.40
N ASN A 113 1.99 -23.25 -6.40
CA ASN A 113 3.11 -22.54 -5.75
C ASN A 113 3.13 -22.86 -4.25
N ASN A 114 1.95 -22.79 -3.62
CA ASN A 114 1.84 -23.04 -2.18
C ASN A 114 2.34 -24.44 -1.83
N SER A 115 1.86 -25.45 -2.54
CA SER A 115 2.21 -26.83 -2.23
C SER A 115 3.49 -27.28 -2.91
N GLY A 116 4.11 -26.41 -3.72
CA GLY A 116 5.30 -26.78 -4.48
C GLY A 116 6.50 -25.92 -4.14
N TYR A 117 6.84 -24.98 -5.04
CA TYR A 117 8.09 -24.25 -4.90
C TYR A 117 8.18 -23.53 -3.56
N TRP A 118 7.10 -22.86 -3.14
CA TRP A 118 7.12 -22.12 -1.88
C TRP A 118 7.32 -23.07 -0.70
N ASN A 119 6.66 -24.22 -0.73
CA ASN A 119 6.84 -25.21 0.33
C ASN A 119 8.29 -25.70 0.37
N ARG A 120 8.91 -25.86 -0.80
CA ARG A 120 10.31 -26.26 -0.83
C ARG A 120 11.21 -25.19 -0.21
N ILE A 121 10.91 -23.91 -0.47
CA ILE A 121 11.65 -22.83 0.20
C ILE A 121 11.43 -22.90 1.70
N GLU A 122 10.18 -23.10 2.13
CA GLU A 122 9.90 -23.24 3.56
C GLU A 122 10.69 -24.38 4.18
N MET A 123 10.82 -25.49 3.48
CA MET A 123 11.58 -26.62 4.01
C MET A 123 13.06 -26.29 4.10
N TYR A 124 13.58 -25.54 3.14
CA TYR A 124 14.99 -25.14 3.20
C TYR A 124 15.24 -24.26 4.40
N CYS A 125 14.33 -23.31 4.68
CA CYS A 125 14.49 -22.47 5.85
C CYS A 125 14.58 -23.32 7.12
N ARG A 126 13.75 -24.37 7.23
CA ARG A 126 13.80 -25.22 8.41
C ARG A 126 15.09 -26.03 8.44
N GLU A 127 15.53 -26.52 7.27
CA GLU A 127 16.80 -27.23 7.22
C GLU A 127 17.95 -26.38 7.74
N LEU A 128 17.89 -25.05 7.52
CA LEU A 128 18.97 -24.19 7.98
C LEU A 128 19.17 -24.30 9.48
N THR A 129 18.12 -24.63 10.24
CA THR A 129 18.27 -24.74 11.68
C THR A 129 19.17 -25.91 12.09
N GLU A 130 19.53 -26.78 11.16
CA GLU A 130 20.51 -27.83 11.45
C GLU A 130 21.92 -27.29 11.49
N ARG A 131 22.16 -26.15 10.84
CA ARG A 131 23.48 -25.58 10.64
C ARG A 131 23.65 -24.21 11.24
N PHE A 132 22.55 -23.53 11.58
CA PHE A 132 22.55 -22.24 12.25
C PHE A 132 21.63 -22.34 13.45
N GLU A 133 22.10 -21.90 14.63
CA GLU A 133 21.22 -21.97 15.80
C GLU A 133 20.00 -21.08 15.64
N ASP A 134 20.12 -19.95 14.94
CA ASP A 134 19.02 -19.01 14.82
C ASP A 134 18.82 -18.58 13.37
N VAL A 135 17.57 -18.63 12.92
CA VAL A 135 17.17 -18.20 11.59
C VAL A 135 15.96 -17.28 11.71
N TRP A 136 16.07 -16.07 11.16
CA TRP A 136 14.96 -15.15 11.05
C TRP A 136 14.50 -15.09 9.60
N VAL A 137 13.18 -15.04 9.39
CA VAL A 137 12.59 -14.98 8.05
C VAL A 137 11.54 -13.89 8.01
N VAL A 138 11.60 -13.03 7.00
CA VAL A 138 10.53 -12.09 6.69
C VAL A 138 9.94 -12.49 5.35
N SER A 139 8.63 -12.71 5.33
CA SER A 139 7.93 -13.09 4.12
C SER A 139 6.81 -12.11 3.84
N GLY A 140 6.46 -11.97 2.57
CA GLY A 140 5.38 -11.08 2.23
C GLY A 140 5.01 -11.04 0.76
N PRO A 141 3.91 -10.36 0.45
CA PRO A 141 3.45 -10.26 -0.94
C PRO A 141 4.01 -9.03 -1.65
N LEU A 142 3.96 -9.10 -2.99
CA LEU A 142 4.34 -7.99 -3.85
C LEU A 142 3.37 -7.92 -5.01
N THR A 143 3.14 -6.70 -5.51
CA THR A 143 2.39 -6.47 -6.73
C THR A 143 3.31 -5.67 -7.65
N LEU A 144 3.97 -6.36 -8.56
CA LEU A 144 4.99 -5.74 -9.39
C LEU A 144 4.46 -5.41 -10.78
N PRO A 145 5.07 -4.44 -11.45
CA PRO A 145 4.59 -4.04 -12.78
C PRO A 145 5.08 -4.95 -13.89
N GLN A 146 4.36 -4.88 -15.00
CA GLN A 146 4.75 -5.49 -16.25
C GLN A 146 4.73 -4.40 -17.32
N THR A 147 5.65 -4.52 -18.27
CA THR A 147 5.77 -3.51 -19.31
C THR A 147 4.92 -3.90 -20.51
N ARG A 148 4.05 -2.99 -20.93
CA ARG A 148 3.16 -3.20 -22.05
C ARG A 148 3.91 -2.98 -23.36
N GLY A 149 3.27 -3.35 -24.47
CA GLY A 149 3.91 -3.25 -25.77
C GLY A 149 4.38 -1.86 -26.12
N ASP A 150 3.73 -0.83 -25.60
CA ASP A 150 4.13 0.54 -25.89
C ASP A 150 5.14 1.08 -24.90
N GLY A 151 5.65 0.25 -23.99
CA GLY A 151 6.60 0.69 -22.98
C GLY A 151 5.98 1.21 -21.72
N LYS A 152 4.65 1.33 -21.67
CA LYS A 152 3.99 1.73 -20.44
C LYS A 152 4.12 0.61 -19.41
N LYS A 153 4.46 1.00 -18.17
CA LYS A 153 4.60 0.04 -17.09
C LYS A 153 3.34 0.06 -16.24
N ILE A 154 2.75 -1.11 -16.04
CA ILE A 154 1.44 -1.22 -15.42
C ILE A 154 1.52 -2.25 -14.31
N VAL A 155 1.08 -1.86 -13.11
CA VAL A 155 0.80 -2.80 -12.02
C VAL A 155 -0.64 -3.25 -12.15
N SER A 156 -0.85 -4.56 -12.29
CA SER A 156 -2.18 -5.15 -12.34
C SER A 156 -2.23 -6.31 -11.35
N TYR A 157 -3.25 -6.35 -10.51
CA TYR A 157 -3.46 -7.50 -9.65
C TYR A 157 -4.94 -7.71 -9.45
N GLN A 158 -5.32 -8.98 -9.29
CA GLN A 158 -6.70 -9.34 -9.00
C GLN A 158 -7.00 -9.06 -7.54
N VAL A 159 -8.26 -8.70 -7.27
CA VAL A 159 -8.78 -8.62 -5.91
C VAL A 159 -9.98 -9.56 -5.82
N ILE A 160 -10.06 -10.33 -4.73
CA ILE A 160 -11.02 -11.42 -4.65
C ILE A 160 -11.98 -11.22 -3.48
N GLY A 161 -13.20 -11.72 -3.67
CA GLY A 161 -14.21 -11.71 -2.64
C GLY A 161 -14.87 -10.35 -2.46
N GLU A 162 -15.87 -10.31 -1.59
CA GLU A 162 -16.56 -9.07 -1.29
C GLU A 162 -15.61 -8.03 -0.70
N ASP A 163 -14.57 -8.47 -0.02
CA ASP A 163 -13.64 -7.56 0.64
C ASP A 163 -12.46 -7.15 -0.23
N ASN A 164 -12.40 -7.62 -1.48
CA ASN A 164 -11.34 -7.23 -2.41
C ASN A 164 -9.94 -7.50 -1.85
N VAL A 165 -9.72 -8.77 -1.49
CA VAL A 165 -8.40 -9.18 -1.02
C VAL A 165 -7.44 -9.21 -2.20
N ALA A 166 -6.28 -8.57 -2.03
CA ALA A 166 -5.33 -8.42 -3.13
C ALA A 166 -4.52 -9.69 -3.36
N VAL A 167 -4.50 -10.15 -4.61
CA VAL A 167 -3.73 -11.34 -4.99
C VAL A 167 -2.35 -10.85 -5.45
N PRO A 168 -1.27 -11.22 -4.76
CA PRO A 168 0.04 -10.73 -5.17
C PRO A 168 0.51 -11.36 -6.47
N SER A 169 1.32 -10.60 -7.21
CA SER A 169 1.98 -11.16 -8.39
C SER A 169 3.19 -11.98 -8.00
N HIS A 170 3.84 -11.64 -6.89
CA HIS A 170 5.06 -12.28 -6.43
C HIS A 170 5.03 -12.36 -4.92
N LEU A 171 5.88 -13.25 -4.39
CA LEU A 171 6.13 -13.38 -2.97
C LEU A 171 7.62 -13.22 -2.70
N TYR A 172 7.98 -12.65 -1.55
CA TYR A 172 9.38 -12.51 -1.18
C TYR A 172 9.67 -13.22 0.12
N LYS A 173 10.93 -13.61 0.28
CA LYS A 173 11.47 -14.06 1.56
C LYS A 173 12.82 -13.42 1.77
N VAL A 174 13.06 -12.93 2.98
CA VAL A 174 14.38 -12.51 3.43
C VAL A 174 14.79 -13.45 4.54
N ILE A 175 15.94 -14.11 4.38
CA ILE A 175 16.46 -15.09 5.33
C ILE A 175 17.72 -14.52 5.97
N LEU A 176 17.74 -14.50 7.30
CA LEU A 176 18.88 -14.05 8.08
C LEU A 176 19.23 -15.14 9.08
N ALA A 177 20.49 -15.57 9.06
CA ALA A 177 20.91 -16.76 9.81
C ALA A 177 22.16 -16.45 10.62
N ARG A 178 22.16 -16.87 11.89
CA ARG A 178 23.28 -16.68 12.78
C ARG A 178 23.73 -18.03 13.34
N ARG A 179 25.02 -18.32 13.21
CA ARG A 179 25.49 -19.68 13.50
C ARG A 179 25.27 -20.03 14.97
N SER A 180 25.71 -19.16 15.88
CA SER A 180 25.44 -19.37 17.30
C SER A 180 25.46 -18.02 17.99
N SER A 181 25.06 -18.03 19.26
CA SER A 181 25.10 -16.81 20.04
C SER A 181 26.50 -16.42 20.45
N VAL A 182 27.49 -17.29 20.24
CA VAL A 182 28.87 -17.03 20.60
C VAL A 182 29.83 -17.13 19.42
N SER A 183 29.32 -17.37 18.22
CA SER A 183 30.17 -17.47 17.05
C SER A 183 30.60 -16.10 16.57
N THR A 184 31.80 -16.03 16.00
CA THR A 184 32.34 -14.78 15.50
C THR A 184 32.09 -14.57 14.02
N GLU A 185 31.77 -15.62 13.27
CA GLU A 185 31.64 -15.47 11.83
C GLU A 185 30.47 -14.54 11.51
N PRO A 186 30.50 -13.89 10.36
CA PRO A 186 29.44 -12.94 10.01
C PRO A 186 28.09 -13.63 9.85
N LEU A 187 27.05 -12.81 9.82
CA LEU A 187 25.70 -13.30 9.56
C LEU A 187 25.56 -13.71 8.10
N ALA A 188 24.55 -14.53 7.85
CA ALA A 188 24.21 -14.97 6.50
C ALA A 188 22.85 -14.40 6.13
N LEU A 189 22.75 -13.79 4.96
CA LEU A 189 21.51 -13.16 4.54
C LEU A 189 21.26 -13.45 3.07
N GLY A 190 19.99 -13.67 2.74
CA GLY A 190 19.57 -13.74 1.35
C GLY A 190 18.18 -13.19 1.20
N ALA A 191 17.91 -12.59 0.04
CA ALA A 191 16.58 -12.10 -0.30
C ALA A 191 16.15 -12.78 -1.60
N PHE A 192 14.89 -13.18 -1.67
CA PHE A 192 14.36 -13.97 -2.78
C PHE A 192 12.97 -13.49 -3.17
N VAL A 193 12.70 -13.46 -4.47
CA VAL A 193 11.41 -13.04 -5.01
C VAL A 193 10.97 -14.07 -6.02
N VAL A 194 9.81 -14.67 -5.79
CA VAL A 194 9.28 -15.68 -6.70
C VAL A 194 7.91 -15.27 -7.23
N PRO A 195 7.58 -15.61 -8.48
CA PRO A 195 6.24 -15.33 -8.97
C PRO A 195 5.21 -16.22 -8.31
N ASN A 196 4.01 -15.67 -8.14
CA ASN A 196 2.89 -16.36 -7.48
C ASN A 196 2.19 -17.24 -8.52
N GLU A 197 2.88 -18.30 -8.92
CA GLU A 197 2.43 -19.18 -9.99
C GLU A 197 3.19 -20.49 -9.84
N ALA A 198 2.77 -21.49 -10.61
CA ALA A 198 3.47 -22.77 -10.58
C ALA A 198 4.91 -22.59 -11.05
N ILE A 199 5.83 -23.18 -10.29
CA ILE A 199 7.26 -23.19 -10.58
C ILE A 199 7.73 -24.62 -10.39
N GLY A 200 8.39 -25.17 -11.41
CA GLY A 200 8.82 -26.55 -11.37
C GLY A 200 10.15 -26.72 -10.67
N PHE A 201 10.85 -27.80 -11.05
CA PHE A 201 12.09 -28.17 -10.39
C PHE A 201 13.33 -27.68 -11.14
N GLN A 202 13.17 -27.09 -12.33
CA GLN A 202 14.34 -26.64 -13.08
C GLN A 202 15.04 -25.45 -12.45
N PRO A 203 14.35 -24.38 -12.05
CA PRO A 203 15.08 -23.19 -11.55
C PRO A 203 15.54 -23.37 -10.11
N GLN A 204 16.84 -23.23 -9.89
CA GLN A 204 17.39 -23.25 -8.53
C GLN A 204 17.05 -21.96 -7.80
N LEU A 205 17.02 -22.05 -6.46
CA LEU A 205 16.58 -20.91 -5.66
C LEU A 205 17.37 -19.65 -5.99
N THR A 206 18.67 -19.77 -6.26
CA THR A 206 19.48 -18.60 -6.57
C THR A 206 18.97 -17.85 -7.79
N GLU A 207 18.28 -18.52 -8.70
CA GLU A 207 17.73 -17.81 -9.86
C GLU A 207 16.71 -16.75 -9.43
N PHE A 208 16.13 -16.88 -8.25
CA PHE A 208 15.16 -15.92 -7.74
C PHE A 208 15.76 -15.00 -6.67
N GLN A 209 17.07 -15.08 -6.46
CA GLN A 209 17.72 -14.22 -5.48
C GLN A 209 17.83 -12.80 -6.02
N VAL A 210 17.63 -11.83 -5.13
CA VAL A 210 17.78 -10.41 -5.45
C VAL A 210 18.61 -9.76 -4.35
N SER A 211 19.18 -8.60 -4.65
CA SER A 211 19.87 -7.85 -3.62
C SER A 211 18.86 -7.35 -2.60
N LEU A 212 19.31 -7.22 -1.35
CA LEU A 212 18.43 -6.68 -0.32
C LEU A 212 17.95 -5.28 -0.71
N GLN A 213 18.86 -4.46 -1.24
CA GLN A 213 18.50 -3.11 -1.66
C GLN A 213 17.41 -3.13 -2.72
N ASP A 214 17.51 -4.04 -3.69
CA ASP A 214 16.48 -4.13 -4.73
C ASP A 214 15.13 -4.50 -4.13
N LEU A 215 15.10 -5.48 -3.24
CA LEU A 215 13.82 -5.86 -2.64
C LEU A 215 13.23 -4.71 -1.84
N GLU A 216 14.08 -3.95 -1.14
CA GLU A 216 13.57 -2.84 -0.36
C GLU A 216 12.94 -1.79 -1.27
N LYS A 217 13.58 -1.51 -2.41
CA LYS A 217 13.00 -0.59 -3.39
C LYS A 217 11.66 -1.11 -3.92
N LEU A 218 11.58 -2.42 -4.19
CA LEU A 218 10.35 -2.98 -4.74
C LEU A 218 9.22 -2.99 -3.70
N SER A 219 9.56 -3.19 -2.43
CA SER A 219 8.57 -3.40 -1.39
C SER A 219 8.25 -2.14 -0.61
N GLY A 220 9.09 -1.11 -0.70
CA GLY A 220 8.95 0.06 0.16
C GLY A 220 9.24 -0.23 1.62
N LEU A 221 10.03 -1.27 1.91
CA LEU A 221 10.34 -1.68 3.26
C LEU A 221 11.84 -1.62 3.50
N VAL A 222 12.21 -1.47 4.77
CA VAL A 222 13.59 -1.65 5.21
C VAL A 222 13.61 -2.84 6.17
N PHE A 223 14.35 -3.88 5.80
CA PHE A 223 14.38 -5.10 6.61
C PHE A 223 15.51 -5.04 7.63
N PHE A 224 15.30 -5.71 8.76
CA PHE A 224 16.29 -5.88 9.81
C PHE A 224 17.10 -4.59 10.05
N PRO A 225 16.42 -3.49 10.42
CA PRO A 225 17.11 -2.20 10.49
C PRO A 225 18.21 -2.12 11.53
N HIS A 226 18.27 -3.03 12.50
CA HIS A 226 19.37 -3.00 13.47
C HIS A 226 20.62 -3.67 12.93
N LEU A 227 20.50 -4.41 11.84
CA LEU A 227 21.66 -5.04 11.22
C LEU A 227 22.59 -3.96 10.68
N ASP A 228 23.84 -3.99 11.12
CA ASP A 228 24.84 -3.04 10.67
C ASP A 228 25.36 -3.51 9.33
N ARG A 229 24.92 -2.87 8.26
CA ARG A 229 25.33 -3.27 6.93
C ARG A 229 26.75 -2.81 6.59
N THR A 230 27.37 -2.00 7.45
CA THR A 230 28.80 -1.75 7.33
C THR A 230 29.58 -3.04 7.53
N SER A 231 29.28 -3.77 8.61
CA SER A 231 29.92 -5.04 8.88
C SER A 231 29.75 -5.96 7.68
N ASP A 232 30.62 -6.96 7.54
CA ASP A 232 30.52 -7.89 6.43
C ASP A 232 29.42 -8.89 6.74
N ILE A 233 28.36 -8.86 5.94
CA ILE A 233 27.29 -9.84 5.98
C ILE A 233 27.46 -10.73 4.76
N ARG A 234 27.49 -12.04 4.97
CA ARG A 234 27.75 -12.95 3.88
C ARG A 234 26.46 -13.32 3.17
N ASN A 235 26.60 -13.63 1.89
CA ASN A 235 25.49 -14.13 1.09
C ASN A 235 25.13 -15.54 1.57
N ILE A 236 23.87 -15.74 1.95
CA ILE A 236 23.47 -17.04 2.49
C ILE A 236 23.73 -18.15 1.49
N CYS A 237 23.64 -17.85 0.20
CA CYS A 237 23.89 -18.85 -0.83
C CYS A 237 25.36 -19.08 -1.11
N SER A 238 26.26 -18.36 -0.43
CA SER A 238 27.69 -18.64 -0.48
C SER A 238 28.17 -19.46 0.72
N VAL A 239 27.67 -19.15 1.92
CA VAL A 239 28.07 -19.91 3.10
C VAL A 239 27.16 -21.11 3.34
N ASP A 240 26.00 -21.16 2.70
CA ASP A 240 25.16 -22.36 2.68
C ASP A 240 24.87 -22.71 1.23
N THR A 241 23.97 -23.67 1.00
CA THR A 241 23.80 -24.23 -0.34
C THR A 241 22.71 -23.54 -1.16
N CYS A 242 21.69 -23.01 -0.51
CA CYS A 242 20.46 -22.60 -1.20
C CYS A 242 19.99 -23.71 -2.14
N LYS A 243 20.13 -24.95 -1.68
CA LYS A 243 19.74 -26.14 -2.44
C LYS A 243 18.37 -26.61 -1.96
N LEU A 244 17.38 -26.52 -2.84
CA LEU A 244 16.04 -27.01 -2.55
C LEU A 244 15.96 -28.51 -2.81
N LEU A 245 14.98 -29.15 -2.17
CA LEU A 245 14.76 -30.57 -2.44
C LEU A 245 14.45 -30.75 -3.92
N ASP A 246 15.02 -31.80 -4.52
CA ASP A 246 14.77 -32.09 -5.93
C ASP A 246 13.49 -32.91 -6.07
N PHE A 247 13.15 -33.25 -7.31
CA PHE A 247 11.89 -33.96 -7.58
C PHE A 247 11.80 -35.25 -6.78
N GLN A 248 12.86 -36.07 -6.83
CA GLN A 248 12.81 -37.35 -6.13
C GLN A 248 12.68 -37.16 -4.63
N GLU A 249 13.50 -36.28 -4.05
CA GLU A 249 13.45 -36.02 -2.62
C GLU A 249 12.10 -35.45 -2.20
N PHE A 250 11.59 -34.46 -2.93
CA PHE A 250 10.34 -33.83 -2.54
C PHE A 250 9.16 -34.77 -2.73
N THR A 251 9.13 -35.51 -3.85
CA THR A 251 8.04 -36.45 -4.09
C THR A 251 8.03 -37.53 -3.02
N LEU A 252 9.20 -38.05 -2.65
CA LEU A 252 9.29 -39.01 -1.56
C LEU A 252 8.76 -38.40 -0.27
N TYR A 253 9.11 -37.15 0.00
CA TYR A 253 8.60 -36.45 1.18
C TYR A 253 7.07 -36.36 1.14
N LEU A 254 6.51 -35.95 0.01
CA LEU A 254 5.06 -35.85 -0.08
C LEU A 254 4.40 -37.20 0.07
N SER A 255 4.95 -38.23 -0.57
CA SER A 255 4.37 -39.57 -0.46
C SER A 255 4.41 -40.07 0.97
N THR A 256 5.53 -39.88 1.65
CA THR A 256 5.63 -40.29 3.05
C THR A 256 4.56 -39.61 3.89
N ARG A 257 4.28 -38.34 3.60
CA ARG A 257 3.23 -37.62 4.34
C ARG A 257 1.87 -38.25 4.10
N LYS A 258 1.58 -38.62 2.85
CA LYS A 258 0.26 -39.17 2.55
C LYS A 258 0.01 -40.50 3.26
N ILE A 259 1.06 -41.23 3.63
CA ILE A 259 0.88 -42.48 4.39
C ILE A 259 0.04 -42.22 5.63
N GLU A 260 0.43 -41.21 6.41
CA GLU A 260 -0.17 -41.02 7.72
C GLU A 260 -1.66 -40.71 7.62
N GLY A 261 -2.13 -40.21 6.49
CA GLY A 261 -3.54 -39.97 6.28
C GLY A 261 -4.30 -41.09 5.63
N ALA A 262 -3.61 -42.16 5.23
CA ALA A 262 -4.28 -43.28 4.58
C ALA A 262 -5.35 -43.86 5.50
N ARG A 263 -6.55 -44.07 4.96
CA ARG A 263 -7.65 -44.65 5.72
C ARG A 263 -7.90 -46.11 5.37
N SER A 264 -7.22 -46.64 4.37
CA SER A 264 -7.43 -48.02 3.95
C SER A 264 -6.13 -48.55 3.36
N VAL A 265 -5.96 -49.88 3.46
CA VAL A 265 -4.87 -50.55 2.76
C VAL A 265 -4.94 -50.21 1.27
N LEU A 266 -6.14 -50.05 0.74
CA LEU A 266 -6.32 -49.70 -0.67
C LEU A 266 -5.57 -48.41 -0.99
N ARG A 267 -5.91 -47.33 -0.28
CA ARG A 267 -5.23 -46.06 -0.48
C ARG A 267 -3.73 -46.19 -0.19
N LEU A 268 -3.38 -46.94 0.84
CA LEU A 268 -1.97 -47.11 1.20
C LEU A 268 -1.20 -47.77 0.06
N GLU A 269 -1.81 -48.73 -0.63
CA GLU A 269 -1.15 -49.37 -1.76
C GLU A 269 -1.06 -48.44 -2.96
N LYS A 270 -2.07 -47.57 -3.15
CA LYS A 270 -2.02 -46.62 -4.26
C LYS A 270 -0.91 -45.59 -4.07
N ILE A 271 -0.62 -45.23 -2.83
CA ILE A 271 0.53 -44.35 -2.56
C ILE A 271 1.81 -45.01 -3.03
N MET A 272 1.99 -46.29 -2.68
CA MET A 272 3.14 -47.04 -3.17
C MET A 272 3.16 -47.11 -4.69
N GLU A 273 2.00 -47.37 -5.30
CA GLU A 273 1.95 -47.46 -6.76
C GLU A 273 2.35 -46.14 -7.40
N ASN A 274 1.74 -45.04 -6.97
CA ASN A 274 2.06 -43.74 -7.55
C ASN A 274 3.54 -43.44 -7.42
N LEU A 275 4.14 -43.75 -6.28
CA LEU A 275 5.55 -43.48 -6.08
C LEU A 275 6.40 -44.27 -7.06
N LYS A 276 6.10 -45.56 -7.24
CA LYS A 276 6.87 -46.38 -8.17
C LYS A 276 6.62 -45.96 -9.61
N ASN A 277 5.36 -45.68 -9.97
CA ASN A 277 5.08 -45.22 -11.33
C ASN A 277 5.68 -43.86 -11.62
N ALA A 278 6.07 -43.12 -10.58
CA ALA A 278 6.93 -41.96 -10.74
C ALA A 278 8.40 -42.35 -10.86
N GLU A 279 8.68 -43.64 -10.94
CA GLU A 279 10.05 -44.17 -11.03
C GLU A 279 10.90 -43.66 -9.87
N ILE A 280 10.32 -43.70 -8.67
CA ILE A 280 11.04 -43.41 -7.43
C ILE A 280 10.93 -44.63 -6.54
N GLU A 281 12.08 -45.06 -5.97
CA GLU A 281 12.05 -46.20 -5.07
C GLU A 281 11.97 -45.74 -3.62
N PRO A 282 11.11 -46.35 -2.80
CA PRO A 282 11.01 -45.91 -1.40
C PRO A 282 12.33 -46.06 -0.66
N ASP A 283 12.55 -45.17 0.30
CA ASP A 283 13.69 -45.27 1.20
C ASP A 283 13.25 -45.99 2.48
N ASP A 284 14.20 -46.21 3.38
CA ASP A 284 13.91 -46.98 4.59
C ASP A 284 12.84 -46.29 5.44
N TYR A 285 12.90 -44.97 5.56
CA TYR A 285 11.92 -44.27 6.37
C TYR A 285 10.51 -44.45 5.81
N PHE A 286 10.36 -44.31 4.49
CA PHE A 286 9.06 -44.56 3.87
C PHE A 286 8.54 -45.94 4.23
N MET A 287 9.36 -46.97 4.00
CA MET A 287 8.93 -48.33 4.28
C MET A 287 8.65 -48.54 5.77
N SER A 288 9.38 -47.82 6.63
CA SER A 288 9.10 -47.90 8.05
C SER A 288 7.69 -47.39 8.36
N ARG A 289 7.41 -46.15 7.96
CA ARG A 289 6.08 -45.60 8.19
C ARG A 289 5.01 -46.41 7.45
N TYR A 290 5.35 -46.93 6.27
CA TYR A 290 4.37 -47.68 5.49
C TYR A 290 3.95 -48.95 6.21
N GLU A 291 4.93 -49.68 6.76
CA GLU A 291 4.62 -50.91 7.48
C GLU A 291 3.89 -50.62 8.79
N LYS A 292 4.29 -49.55 9.49
CA LYS A 292 3.57 -49.15 10.69
C LYS A 292 2.11 -48.87 10.39
N LYS A 293 1.83 -48.23 9.26
CA LYS A 293 0.46 -47.87 8.90
C LYS A 293 -0.32 -49.10 8.45
N LEU A 294 0.35 -50.00 7.73
CA LEU A 294 -0.32 -51.22 7.30
C LEU A 294 -0.80 -52.04 8.49
N GLU A 295 0.07 -52.23 9.48
CA GLU A 295 -0.33 -52.92 10.71
C GLU A 295 -1.45 -52.19 11.41
N GLU A 296 -1.36 -50.86 11.49
CA GLU A 296 -2.39 -50.08 12.16
C GLU A 296 -3.74 -50.26 11.50
N LEU A 297 -3.78 -50.15 10.16
CA LEU A 297 -5.06 -50.26 9.46
C LEU A 297 -5.63 -51.66 9.56
N LYS A 298 -4.77 -52.68 9.55
CA LYS A 298 -5.26 -54.04 9.73
C LYS A 298 -5.77 -54.28 11.15
N ALA A 299 -5.32 -53.48 12.12
CA ALA A 299 -5.81 -53.58 13.48
C ALA A 299 -7.05 -52.73 13.74
N LYS A 300 -7.57 -52.05 12.72
CA LYS A 300 -8.75 -51.22 12.88
C LYS A 300 -9.87 -51.72 11.99
N GLU A 301 -11.09 -51.35 12.36
CA GLU A 301 -12.28 -51.68 11.59
C GLU A 301 -12.19 -51.11 10.18
N LYS B 2 8.81 -11.85 21.73
CA LYS B 2 8.89 -10.62 20.95
C LYS B 2 10.33 -10.13 20.85
N ALA B 3 11.08 -10.23 21.95
CA ALA B 3 12.48 -9.85 21.93
C ALA B 3 13.26 -10.70 20.92
N VAL B 4 13.02 -12.00 20.90
CA VAL B 4 13.74 -12.89 20.00
C VAL B 4 13.46 -12.52 18.55
N LEU B 5 12.18 -12.29 18.23
CA LEU B 5 11.82 -11.88 16.87
C LEU B 5 12.45 -10.53 16.52
N GLU B 6 12.45 -9.60 17.48
CA GLU B 6 12.87 -8.22 17.24
C GLU B 6 14.37 -8.04 17.38
N GLN B 7 15.12 -9.14 17.49
CA GLN B 7 16.55 -9.06 17.79
C GLN B 7 17.29 -8.13 16.83
N PHE B 8 17.00 -8.22 15.54
CA PHE B 8 17.58 -7.32 14.54
C PHE B 8 16.56 -6.31 14.03
N GLY B 9 15.48 -6.12 14.77
CA GLY B 9 14.49 -5.12 14.43
C GLY B 9 13.40 -5.65 13.51
N PHE B 10 12.20 -5.10 13.70
CA PHE B 10 11.10 -5.33 12.77
C PHE B 10 11.35 -4.54 11.49
N PRO B 11 10.84 -5.02 10.35
CA PRO B 11 10.90 -4.21 9.14
C PRO B 11 10.25 -2.84 9.35
N LEU B 12 10.76 -1.83 8.66
CA LEU B 12 10.23 -0.47 8.72
C LEU B 12 9.38 -0.20 7.48
N THR B 13 8.15 0.31 7.69
CA THR B 13 7.26 0.65 6.59
C THR B 13 7.29 2.12 6.20
N GLY B 14 7.81 2.98 7.07
CA GLY B 14 7.92 4.39 6.76
C GLY B 14 6.59 5.11 6.68
N THR B 15 5.57 4.63 7.38
CA THR B 15 4.23 5.18 7.32
C THR B 15 3.96 6.22 8.40
N GLU B 16 4.92 6.50 9.27
CA GLU B 16 4.74 7.46 10.35
C GLU B 16 4.31 8.82 9.82
N ALA B 17 3.46 9.51 10.59
CA ALA B 17 3.03 10.84 10.21
C ALA B 17 4.23 11.77 10.14
N ARG B 18 4.29 12.55 9.06
CA ARG B 18 5.34 13.56 8.87
C ARG B 18 4.69 14.93 8.88
N CYS B 19 5.26 15.86 9.65
CA CYS B 19 4.66 17.17 9.85
C CYS B 19 5.43 18.28 9.17
N TYR B 20 4.69 19.22 8.57
CA TYR B 20 5.22 20.40 7.92
C TYR B 20 4.50 21.63 8.49
N THR B 21 4.81 22.80 7.94
CA THR B 21 4.32 24.04 8.53
C THR B 21 2.79 24.07 8.59
N ASN B 22 2.11 23.69 7.51
CA ASN B 22 0.64 23.72 7.50
C ASN B 22 0.04 22.48 6.85
N HIS B 23 0.74 21.35 6.89
CA HIS B 23 0.12 20.09 6.53
C HIS B 23 0.93 18.95 7.13
N ALA B 24 0.32 17.78 7.15
CA ALA B 24 0.98 16.55 7.61
C ALA B 24 0.62 15.44 6.63
N LEU B 25 1.46 14.41 6.56
CA LEU B 25 1.20 13.35 5.61
C LEU B 25 1.79 12.03 6.10
N SER B 26 1.23 10.94 5.60
CA SER B 26 1.84 9.62 5.65
C SER B 26 2.24 9.24 4.23
N TYR B 27 3.50 8.84 4.06
CA TYR B 27 4.07 8.54 2.76
C TYR B 27 4.04 7.06 2.46
N ASP B 28 3.79 6.71 1.19
CA ASP B 28 3.84 5.32 0.73
C ASP B 28 5.16 5.12 -0.01
N GLN B 29 6.10 4.41 0.62
CA GLN B 29 7.43 4.24 0.06
C GLN B 29 7.45 3.30 -1.14
N ALA B 30 6.46 2.43 -1.28
CA ALA B 30 6.38 1.53 -2.43
C ALA B 30 5.83 2.25 -3.65
N LYS B 31 4.83 3.12 -3.46
CA LYS B 31 4.19 3.82 -4.56
C LYS B 31 4.82 5.18 -4.83
N ARG B 32 5.64 5.69 -3.92
CA ARG B 32 6.32 6.99 -4.06
C ARG B 32 5.33 8.15 -4.09
N VAL B 33 4.23 8.02 -3.34
CA VAL B 33 3.22 9.07 -3.21
C VAL B 33 2.71 9.09 -1.78
N PRO B 34 2.06 10.18 -1.38
CA PRO B 34 1.39 10.17 -0.08
C PRO B 34 0.22 9.20 -0.07
N ARG B 35 -0.03 8.62 1.11
CA ARG B 35 -1.27 7.89 1.35
C ARG B 35 -2.39 8.83 1.73
N TRP B 36 -2.08 9.80 2.59
CA TRP B 36 -3.01 10.84 3.00
C TRP B 36 -2.22 12.11 3.31
N VAL B 37 -2.88 13.25 3.13
CA VAL B 37 -2.33 14.53 3.50
C VAL B 37 -3.41 15.29 4.23
N LEU B 38 -3.13 15.68 5.48
CA LEU B 38 -4.07 16.40 6.31
C LEU B 38 -3.65 17.86 6.38
N GLU B 39 -4.62 18.77 6.26
CA GLU B 39 -4.36 20.19 6.39
C GLU B 39 -5.51 20.85 7.12
N HIS B 40 -5.23 22.03 7.65
CA HIS B 40 -6.23 22.90 8.26
C HIS B 40 -6.20 24.21 7.51
N ILE B 41 -7.39 24.74 7.22
CA ILE B 41 -7.57 25.97 6.46
C ILE B 41 -8.37 26.94 7.31
N SER B 42 -8.03 28.23 7.22
CA SER B 42 -8.78 29.30 7.87
C SER B 42 -8.74 30.53 6.98
N LYS B 43 -9.62 31.49 7.28
CA LYS B 43 -9.63 32.76 6.57
C LYS B 43 -8.24 33.37 6.44
N SER B 44 -7.47 33.37 7.54
CA SER B 44 -6.20 34.09 7.53
C SER B 44 -5.10 33.34 6.79
N LYS B 45 -5.16 32.00 6.76
CA LYS B 45 -4.10 31.26 6.09
C LYS B 45 -4.14 31.39 4.57
N ILE B 46 -5.30 31.66 3.99
CA ILE B 46 -5.41 31.71 2.55
C ILE B 46 -5.21 33.13 2.04
N MET B 47 -4.83 34.05 2.94
CA MET B 47 -4.43 35.39 2.58
C MET B 47 -2.95 35.58 2.90
N GLY B 48 -2.31 36.48 2.16
CA GLY B 48 -0.88 36.71 2.34
C GLY B 48 -0.17 36.84 1.02
N ASP B 49 1.15 37.01 1.05
CA ASP B 49 1.91 37.34 -0.15
C ASP B 49 2.85 36.21 -0.59
N ALA B 50 2.71 35.01 -0.04
CA ALA B 50 3.44 33.88 -0.59
C ALA B 50 3.04 33.67 -2.04
N ASP B 51 4.03 33.39 -2.89
CA ASP B 51 3.85 33.41 -4.35
C ASP B 51 4.25 32.05 -4.91
N ARG B 52 3.28 31.31 -5.44
CA ARG B 52 3.53 29.99 -6.00
C ARG B 52 4.54 30.03 -7.15
N LYS B 53 4.74 31.19 -7.77
CA LYS B 53 5.68 31.28 -8.89
C LYS B 53 7.12 31.09 -8.43
N HIS B 54 7.41 31.39 -7.17
CA HIS B 54 8.76 31.23 -6.65
C HIS B 54 9.04 29.82 -6.14
N CYS B 55 8.04 28.96 -6.02
CA CYS B 55 8.24 27.63 -5.48
C CYS B 55 8.67 26.66 -6.57
N LYS B 56 9.43 25.64 -6.18
CA LYS B 56 9.77 24.59 -7.13
C LYS B 56 9.61 23.22 -6.49
N PHE B 57 9.18 22.27 -7.32
CA PHE B 57 9.09 20.88 -6.90
C PHE B 57 10.47 20.32 -6.63
N LYS B 58 10.57 19.50 -5.60
CA LYS B 58 11.82 18.86 -5.24
C LYS B 58 11.52 17.67 -4.36
N PRO B 59 12.42 16.69 -4.30
CA PRO B 59 12.22 15.57 -3.36
C PRO B 59 12.19 16.08 -1.94
N ASP B 60 11.33 15.48 -1.14
CA ASP B 60 11.26 15.80 0.28
C ASP B 60 12.58 15.42 0.95
N PRO B 61 13.33 16.37 1.50
CA PRO B 61 14.64 16.02 2.06
C PRO B 61 14.57 15.07 3.25
N ASN B 62 13.39 14.83 3.80
CA ASN B 62 13.25 13.93 4.94
C ASN B 62 12.98 12.48 4.53
N ILE B 63 12.73 12.23 3.24
CA ILE B 63 12.43 10.88 2.75
C ILE B 63 13.76 10.26 2.32
N PRO B 64 14.05 9.02 2.70
CA PRO B 64 15.26 8.37 2.15
C PRO B 64 15.21 8.42 0.64
N PRO B 65 16.28 8.86 -0.02
CA PRO B 65 16.23 8.97 -1.50
C PRO B 65 15.79 7.70 -2.21
N THR B 66 16.11 6.52 -1.70
CA THR B 66 15.74 5.30 -2.40
C THR B 66 14.23 5.16 -2.52
N PHE B 67 13.46 5.86 -1.68
CA PHE B 67 12.01 5.80 -1.73
C PHE B 67 11.35 7.07 -2.24
N SER B 68 12.14 8.07 -2.63
CA SER B 68 11.60 9.35 -3.07
C SER B 68 11.27 9.32 -4.56
N ALA B 69 10.26 10.12 -4.95
CA ALA B 69 10.13 10.47 -6.35
C ALA B 69 11.05 11.63 -6.67
N PHE B 70 11.29 11.83 -7.96
CA PHE B 70 12.13 12.92 -8.44
C PHE B 70 11.43 13.58 -9.63
N ASN B 71 11.80 14.83 -9.92
CA ASN B 71 11.12 15.54 -10.99
C ASN B 71 11.26 14.80 -12.31
N GLU B 72 12.37 14.08 -12.49
CA GLU B 72 12.56 13.30 -13.71
C GLU B 72 11.50 12.22 -13.88
N ASP B 73 10.87 11.76 -12.80
CA ASP B 73 9.79 10.78 -12.94
C ASP B 73 8.55 11.38 -13.59
N TYR B 74 8.30 12.67 -13.36
CA TYR B 74 7.08 13.33 -13.78
C TYR B 74 7.21 14.05 -15.12
N VAL B 75 8.29 14.78 -15.32
CA VAL B 75 8.42 15.66 -16.48
C VAL B 75 8.47 14.79 -17.73
N GLY B 76 7.52 15.01 -18.64
CA GLY B 76 7.45 14.24 -19.86
C GLY B 76 6.74 12.92 -19.75
N SER B 77 6.10 12.65 -18.60
CA SER B 77 5.39 11.40 -18.39
C SER B 77 3.97 11.41 -18.95
N GLY B 78 3.43 12.58 -19.24
CA GLY B 78 2.02 12.72 -19.56
C GLY B 78 1.14 13.07 -18.38
N TRP B 79 1.71 13.11 -17.18
CA TRP B 79 0.98 13.39 -15.95
C TRP B 79 1.57 14.64 -15.30
N SER B 80 0.70 15.43 -14.68
CA SER B 80 1.13 16.63 -13.97
C SER B 80 1.47 16.27 -12.53
N ARG B 81 2.29 17.11 -11.90
CA ARG B 81 2.54 17.00 -10.46
C ARG B 81 1.37 17.62 -9.72
N GLY B 82 0.55 16.78 -9.07
CA GLY B 82 -0.66 17.21 -8.42
C GLY B 82 -0.49 17.36 -6.92
N HIS B 83 -0.66 18.59 -6.43
CA HIS B 83 -0.66 18.85 -5.00
C HIS B 83 -1.85 18.17 -4.34
N MET B 84 -1.61 17.57 -3.18
CA MET B 84 -2.69 17.15 -2.30
C MET B 84 -3.06 18.29 -1.34
N ALA B 85 -2.11 18.74 -0.53
CA ALA B 85 -2.27 20.04 0.11
C ALA B 85 -1.92 21.13 -0.91
N PRO B 86 -2.87 21.98 -1.31
CA PRO B 86 -2.58 22.93 -2.40
C PRO B 86 -1.77 24.12 -1.93
N ALA B 87 -1.00 24.67 -2.88
CA ALA B 87 -0.22 25.87 -2.59
C ALA B 87 -1.14 27.00 -2.14
N GLY B 88 -2.31 27.12 -2.77
CA GLY B 88 -3.24 28.21 -2.49
C GLY B 88 -3.80 28.21 -1.09
N ASN B 89 -3.65 27.12 -0.35
CA ASN B 89 -4.08 27.14 1.04
C ASN B 89 -3.04 27.76 1.97
N ASN B 90 -1.93 28.26 1.42
CA ASN B 90 -0.77 28.64 2.21
C ASN B 90 -0.20 29.99 1.75
N LYS B 91 -1.08 30.92 1.35
CA LYS B 91 -0.63 32.27 1.04
C LYS B 91 0.01 32.95 2.24
N PHE B 92 -0.30 32.52 3.45
CA PHE B 92 0.18 33.20 4.65
C PHE B 92 1.66 32.93 4.92
N SER B 93 2.25 31.90 4.34
CA SER B 93 3.60 31.51 4.71
C SER B 93 4.33 30.96 3.49
N SER B 94 5.42 31.63 3.08
CA SER B 94 6.21 31.14 1.96
C SER B 94 6.87 29.82 2.29
N LYS B 95 7.18 29.56 3.57
CA LYS B 95 7.75 28.28 3.94
C LYS B 95 6.72 27.16 3.83
N ALA B 96 5.50 27.40 4.34
CA ALA B 96 4.45 26.40 4.21
C ALA B 96 4.14 26.09 2.74
N MET B 97 4.11 27.12 1.91
CA MET B 97 3.83 26.88 0.49
C MET B 97 4.95 26.05 -0.15
N ALA B 98 6.20 26.41 0.10
CA ALA B 98 7.30 25.66 -0.48
C ALA B 98 7.23 24.18 -0.10
N GLU B 99 6.79 23.90 1.13
CA GLU B 99 6.75 22.51 1.59
C GLU B 99 5.66 21.71 0.89
N THR B 100 4.60 22.37 0.39
CA THR B 100 3.63 21.65 -0.44
C THR B 100 4.21 21.27 -1.79
N PHE B 101 5.36 21.83 -2.17
CA PHE B 101 6.03 21.44 -3.41
C PHE B 101 7.04 20.32 -3.21
N TYR B 102 7.23 19.85 -1.98
CA TYR B 102 7.94 18.58 -1.79
C TYR B 102 7.14 17.46 -2.44
N LEU B 103 7.84 16.56 -3.12
CA LEU B 103 7.14 15.52 -3.87
C LEU B 103 6.43 14.52 -2.96
N SER B 104 6.69 14.57 -1.65
CA SER B 104 5.91 13.78 -0.71
C SER B 104 4.45 14.18 -0.66
N ASN B 105 4.12 15.38 -1.16
CA ASN B 105 2.76 15.91 -1.22
C ASN B 105 2.13 15.71 -2.59
N ILE B 106 2.83 15.07 -3.52
CA ILE B 106 2.50 15.12 -4.94
C ILE B 106 2.14 13.74 -5.45
N VAL B 107 1.13 13.70 -6.32
CA VAL B 107 0.76 12.49 -7.06
C VAL B 107 0.72 12.82 -8.55
N PRO B 108 0.90 11.82 -9.41
CA PRO B 108 0.68 12.04 -10.85
C PRO B 108 -0.80 12.29 -11.13
N GLN B 109 -1.12 13.48 -11.62
CA GLN B 109 -2.51 13.88 -11.80
C GLN B 109 -2.78 14.32 -13.23
N ASP B 110 -3.91 13.89 -13.76
CA ASP B 110 -4.35 14.31 -15.08
C ASP B 110 -4.33 15.84 -15.15
N PHE B 111 -3.75 16.36 -16.23
CA PHE B 111 -3.56 17.80 -16.34
C PHE B 111 -4.89 18.55 -16.23
N ASP B 112 -5.93 18.05 -16.92
CA ASP B 112 -7.19 18.77 -16.93
C ASP B 112 -7.89 18.68 -15.57
N ASN B 113 -7.82 17.50 -14.94
CA ASN B 113 -8.36 17.34 -13.59
C ASN B 113 -7.70 18.33 -12.63
N ASN B 114 -6.36 18.41 -12.69
CA ASN B 114 -5.61 19.28 -11.80
C ASN B 114 -6.05 20.73 -11.96
N SER B 115 -6.14 21.22 -13.19
CA SER B 115 -6.47 22.61 -13.44
C SER B 115 -7.97 22.85 -13.55
N GLY B 116 -8.79 21.80 -13.45
CA GLY B 116 -10.22 21.93 -13.64
C GLY B 116 -11.01 21.51 -12.42
N TYR B 117 -11.57 20.32 -12.45
CA TYR B 117 -12.49 19.89 -11.40
C TYR B 117 -11.83 19.86 -10.02
N TRP B 118 -10.61 19.29 -9.93
CA TRP B 118 -9.93 19.25 -8.64
C TRP B 118 -9.67 20.65 -8.12
N ASN B 119 -9.27 21.57 -9.01
CA ASN B 119 -9.06 22.95 -8.58
C ASN B 119 -10.37 23.55 -8.07
N ARG B 120 -11.48 23.24 -8.72
CA ARG B 120 -12.76 23.78 -8.25
C ARG B 120 -13.11 23.24 -6.86
N ILE B 121 -12.77 21.96 -6.59
CA ILE B 121 -12.98 21.43 -5.25
C ILE B 121 -12.09 22.15 -4.25
N GLU B 122 -10.81 22.36 -4.60
CA GLU B 122 -9.92 23.12 -3.73
C GLU B 122 -10.49 24.49 -3.42
N MET B 123 -11.07 25.13 -4.43
CA MET B 123 -11.62 26.47 -4.22
C MET B 123 -12.83 26.43 -3.30
N TYR B 124 -13.63 25.37 -3.40
CA TYR B 124 -14.76 25.24 -2.50
C TYR B 124 -14.28 25.07 -1.07
N CYS B 125 -13.20 24.30 -0.87
CA CYS B 125 -12.66 24.14 0.47
C CYS B 125 -12.24 25.48 1.08
N ARG B 126 -11.64 26.36 0.27
CA ARG B 126 -11.28 27.69 0.76
C ARG B 126 -12.53 28.55 0.99
N GLU B 127 -13.52 28.41 0.11
CA GLU B 127 -14.76 29.15 0.27
C GLU B 127 -15.45 28.82 1.59
N LEU B 128 -15.29 27.58 2.07
CA LEU B 128 -15.89 27.18 3.33
C LEU B 128 -15.40 28.03 4.49
N THR B 129 -14.17 28.56 4.41
CA THR B 129 -13.69 29.40 5.50
C THR B 129 -14.44 30.71 5.60
N GLU B 130 -15.22 31.08 4.57
CA GLU B 130 -16.10 32.23 4.68
C GLU B 130 -17.24 31.99 5.65
N ARG B 131 -17.60 30.72 5.87
CA ARG B 131 -18.77 30.37 6.66
C ARG B 131 -18.44 29.53 7.88
N PHE B 132 -17.24 28.94 7.96
CA PHE B 132 -16.76 28.16 9.09
C PHE B 132 -15.41 28.71 9.54
N GLU B 133 -15.20 28.80 10.85
CA GLU B 133 -13.92 29.30 11.34
C GLU B 133 -12.79 28.32 11.04
N ASP B 134 -13.06 27.02 11.05
CA ASP B 134 -12.03 26.00 10.91
C ASP B 134 -12.48 24.93 9.93
N VAL B 135 -11.59 24.59 8.99
CA VAL B 135 -11.83 23.56 7.99
C VAL B 135 -10.61 22.65 7.96
N TRP B 136 -10.85 21.35 8.11
CA TRP B 136 -9.83 20.33 7.95
C TRP B 136 -10.08 19.54 6.67
N VAL B 137 -9.02 19.22 5.94
CA VAL B 137 -9.13 18.44 4.72
C VAL B 137 -8.07 17.35 4.72
N VAL B 138 -8.49 16.12 4.42
CA VAL B 138 -7.60 15.02 4.14
C VAL B 138 -7.74 14.70 2.65
N SER B 139 -6.63 14.72 1.93
CA SER B 139 -6.62 14.42 0.51
C SER B 139 -5.66 13.28 0.23
N GLY B 140 -5.96 12.50 -0.81
CA GLY B 140 -5.05 11.44 -1.20
C GLY B 140 -5.42 10.67 -2.44
N PRO B 141 -4.54 9.77 -2.85
CA PRO B 141 -4.78 8.95 -4.04
C PRO B 141 -5.46 7.62 -3.71
N LEU B 142 -6.09 7.06 -4.75
CA LEU B 142 -6.65 5.72 -4.70
C LEU B 142 -6.32 4.99 -5.98
N THR B 143 -6.15 3.68 -5.87
CA THR B 143 -6.04 2.79 -7.02
C THR B 143 -7.17 1.77 -6.87
N LEU B 144 -8.31 2.02 -7.55
CA LEU B 144 -9.52 1.23 -7.36
C LEU B 144 -9.65 0.15 -8.43
N PRO B 145 -10.37 -0.92 -8.13
CA PRO B 145 -10.52 -2.01 -9.11
C PRO B 145 -11.57 -1.71 -10.16
N GLN B 146 -11.42 -2.40 -11.29
CA GLN B 146 -12.41 -2.46 -12.35
C GLN B 146 -12.70 -3.93 -12.63
N THR B 147 -13.92 -4.21 -13.06
CA THR B 147 -14.32 -5.57 -13.41
C THR B 147 -14.02 -5.77 -14.89
N ARG B 148 -13.21 -6.77 -15.20
CA ARG B 148 -12.90 -7.00 -16.60
C ARG B 148 -13.89 -7.98 -17.20
N GLY B 149 -13.68 -8.31 -18.48
CA GLY B 149 -14.70 -9.03 -19.22
C GLY B 149 -14.99 -10.42 -18.69
N ASP B 150 -14.03 -11.04 -18.02
CA ASP B 150 -14.28 -12.37 -17.47
C ASP B 150 -14.87 -12.31 -16.06
N GLY B 151 -15.24 -11.12 -15.59
CA GLY B 151 -15.83 -10.97 -14.28
C GLY B 151 -14.85 -10.80 -13.15
N LYS B 152 -13.57 -11.06 -13.36
CA LYS B 152 -12.58 -10.78 -12.34
C LYS B 152 -12.45 -9.29 -12.10
N LYS B 153 -12.21 -8.92 -10.85
CA LYS B 153 -11.94 -7.55 -10.46
C LYS B 153 -10.43 -7.36 -10.43
N ILE B 154 -9.96 -6.31 -11.10
CA ILE B 154 -8.54 -6.07 -11.30
C ILE B 154 -8.24 -4.64 -10.89
N VAL B 155 -7.21 -4.46 -10.07
CA VAL B 155 -6.62 -3.15 -9.83
C VAL B 155 -5.47 -2.98 -10.82
N SER B 156 -5.56 -1.96 -11.68
CA SER B 156 -4.52 -1.67 -12.66
C SER B 156 -4.14 -0.20 -12.55
N TYR B 157 -2.85 0.08 -12.47
CA TYR B 157 -2.40 1.47 -12.49
C TYR B 157 -1.02 1.55 -13.13
N GLN B 158 -0.80 2.64 -13.85
CA GLN B 158 0.49 2.94 -14.44
C GLN B 158 1.46 3.36 -13.35
N VAL B 159 2.74 3.00 -13.53
CA VAL B 159 3.83 3.55 -12.73
C VAL B 159 4.79 4.24 -13.69
N ILE B 160 5.25 5.44 -13.31
CA ILE B 160 5.98 6.30 -14.23
C ILE B 160 7.38 6.57 -13.70
N GLY B 161 8.29 6.79 -14.65
CA GLY B 161 9.65 7.15 -14.33
C GLY B 161 10.47 5.96 -13.90
N GLU B 162 11.77 6.21 -13.73
CA GLU B 162 12.67 5.16 -13.25
C GLU B 162 12.28 4.70 -11.84
N ASP B 163 11.63 5.56 -11.06
CA ASP B 163 11.26 5.23 -9.69
C ASP B 163 9.88 4.60 -9.57
N ASN B 164 9.15 4.41 -10.67
CA ASN B 164 7.86 3.72 -10.68
C ASN B 164 6.87 4.39 -9.72
N VAL B 165 6.66 5.69 -9.96
CA VAL B 165 5.67 6.46 -9.20
C VAL B 165 4.28 6.04 -9.64
N ALA B 166 3.44 5.67 -8.68
CA ALA B 166 2.12 5.14 -8.99
C ALA B 166 1.16 6.27 -9.38
N VAL B 167 0.46 6.06 -10.48
CA VAL B 167 -0.56 6.99 -10.98
C VAL B 167 -1.91 6.53 -10.43
N PRO B 168 -2.57 7.32 -9.59
CA PRO B 168 -3.86 6.88 -9.03
C PRO B 168 -4.96 6.83 -10.08
N SER B 169 -5.92 5.94 -9.85
CA SER B 169 -7.12 5.95 -10.67
C SER B 169 -8.10 7.03 -10.23
N HIS B 170 -8.09 7.35 -8.94
CA HIS B 170 -9.03 8.28 -8.32
C HIS B 170 -8.32 9.09 -7.26
N LEU B 171 -8.94 10.21 -6.87
CA LEU B 171 -8.49 11.06 -5.78
C LEU B 171 -9.64 11.26 -4.81
N TYR B 172 -9.32 11.38 -3.52
CA TYR B 172 -10.35 11.59 -2.52
C TYR B 172 -10.08 12.86 -1.73
N LYS B 173 -11.16 13.47 -1.22
CA LYS B 173 -11.10 14.46 -0.17
C LYS B 173 -12.10 14.12 0.92
N VAL B 174 -11.68 14.28 2.17
CA VAL B 174 -12.57 14.26 3.31
C VAL B 174 -12.53 15.66 3.90
N ILE B 175 -13.68 16.30 3.99
CA ILE B 175 -13.79 17.68 4.46
C ILE B 175 -14.53 17.68 5.79
N LEU B 176 -13.91 18.31 6.77
CA LEU B 176 -14.48 18.48 8.11
C LEU B 176 -14.47 19.97 8.44
N ALA B 177 -15.62 20.51 8.82
CA ALA B 177 -15.76 21.93 9.09
C ALA B 177 -16.41 22.15 10.44
N ARG B 178 -15.87 23.11 11.21
CA ARG B 178 -16.40 23.46 12.52
C ARG B 178 -16.76 24.94 12.53
N ARG B 179 -18.00 25.24 12.92
CA ARG B 179 -18.51 26.62 12.80
C ARG B 179 -17.67 27.59 13.61
N SER B 180 -17.46 27.28 14.89
CA SER B 180 -16.59 28.06 15.76
C SER B 180 -16.06 27.14 16.85
N SER B 181 -15.04 27.60 17.55
CA SER B 181 -14.43 26.78 18.60
C SER B 181 -15.28 26.71 19.86
N VAL B 182 -16.29 27.56 20.01
CA VAL B 182 -17.18 27.50 21.17
C VAL B 182 -18.61 27.14 20.80
N SER B 183 -18.95 27.04 19.52
CA SER B 183 -20.32 26.73 19.11
C SER B 183 -20.70 25.31 19.49
N THR B 184 -21.98 25.12 19.81
CA THR B 184 -22.53 23.78 20.03
C THR B 184 -23.09 23.18 18.76
N GLU B 185 -22.93 23.84 17.62
CA GLU B 185 -23.42 23.28 16.37
C GLU B 185 -22.63 22.02 16.01
N PRO B 186 -23.31 20.96 15.57
CA PRO B 186 -22.58 19.76 15.11
C PRO B 186 -21.59 20.09 14.02
N LEU B 187 -20.53 19.29 13.96
CA LEU B 187 -19.56 19.39 12.88
C LEU B 187 -20.19 18.95 11.56
N ALA B 188 -19.61 19.42 10.46
CA ALA B 188 -20.06 19.07 9.13
C ALA B 188 -18.97 18.29 8.41
N LEU B 189 -19.35 17.18 7.77
CA LEU B 189 -18.37 16.30 7.15
C LEU B 189 -18.89 15.82 5.82
N GLY B 190 -17.97 15.68 4.87
CA GLY B 190 -18.26 15.05 3.60
C GLY B 190 -17.03 14.35 3.06
N ALA B 191 -17.27 13.26 2.31
CA ALA B 191 -16.21 12.51 1.68
C ALA B 191 -16.53 12.40 0.20
N PHE B 192 -15.50 12.59 -0.63
CA PHE B 192 -15.69 12.65 -2.09
C PHE B 192 -14.58 11.89 -2.79
N VAL B 193 -14.93 11.24 -3.90
CA VAL B 193 -13.98 10.47 -4.70
C VAL B 193 -14.21 10.83 -6.15
N VAL B 194 -13.16 11.32 -6.82
CA VAL B 194 -13.27 11.69 -8.22
C VAL B 194 -12.27 10.89 -9.04
N PRO B 195 -12.60 10.52 -10.27
CA PRO B 195 -11.61 9.86 -11.13
C PRO B 195 -10.53 10.83 -11.56
N ASN B 196 -9.33 10.28 -11.73
CA ASN B 196 -8.15 11.05 -12.12
C ASN B 196 -8.13 11.21 -13.64
N GLU B 197 -9.05 12.06 -14.13
CA GLU B 197 -9.29 12.28 -15.55
C GLU B 197 -10.07 13.58 -15.69
N ALA B 198 -10.21 14.04 -16.93
CA ALA B 198 -10.94 15.26 -17.16
C ALA B 198 -12.40 15.09 -16.75
N ILE B 199 -12.91 16.07 -16.01
CA ILE B 199 -14.30 16.14 -15.58
C ILE B 199 -14.75 17.56 -15.89
N GLY B 200 -15.86 17.69 -16.59
CA GLY B 200 -16.38 18.98 -16.96
C GLY B 200 -17.27 19.57 -15.89
N PHE B 201 -18.24 20.36 -16.34
CA PHE B 201 -19.10 21.12 -15.44
C PHE B 201 -20.46 20.46 -15.22
N GLN B 202 -20.75 19.36 -15.90
CA GLN B 202 -22.08 18.77 -15.78
C GLN B 202 -22.29 18.10 -14.43
N PRO B 203 -21.34 17.34 -13.90
CA PRO B 203 -21.59 16.66 -12.62
C PRO B 203 -21.35 17.59 -11.44
N GLN B 204 -22.38 17.70 -10.59
CA GLN B 204 -22.24 18.43 -9.33
C GLN B 204 -21.43 17.60 -8.33
N LEU B 205 -20.82 18.31 -7.38
CA LEU B 205 -19.92 17.64 -6.45
C LEU B 205 -20.61 16.50 -5.71
N THR B 206 -21.92 16.61 -5.44
CA THR B 206 -22.59 15.54 -4.72
C THR B 206 -22.63 14.23 -5.49
N GLU B 207 -22.46 14.28 -6.82
CA GLU B 207 -22.38 13.03 -7.58
C GLU B 207 -21.15 12.21 -7.21
N PHE B 208 -20.10 12.85 -6.70
CA PHE B 208 -18.88 12.17 -6.29
C PHE B 208 -18.81 11.93 -4.79
N GLN B 209 -19.87 12.25 -4.06
CA GLN B 209 -19.88 12.06 -2.62
C GLN B 209 -20.07 10.58 -2.30
N VAL B 210 -19.38 10.13 -1.26
CA VAL B 210 -19.47 8.76 -0.77
C VAL B 210 -19.58 8.82 0.74
N SER B 211 -20.09 7.74 1.33
CA SER B 211 -20.12 7.67 2.78
C SER B 211 -18.69 7.55 3.31
N LEU B 212 -18.47 8.11 4.51
CA LEU B 212 -17.16 8.03 5.11
C LEU B 212 -16.73 6.58 5.28
N GLN B 213 -17.65 5.72 5.70
CA GLN B 213 -17.31 4.31 5.91
C GLN B 213 -16.90 3.65 4.60
N ASP B 214 -17.58 3.97 3.50
CA ASP B 214 -17.18 3.42 2.21
C ASP B 214 -15.79 3.86 1.81
N LEU B 215 -15.45 5.13 2.00
CA LEU B 215 -14.10 5.58 1.63
C LEU B 215 -13.05 4.92 2.52
N GLU B 216 -13.34 4.73 3.81
CA GLU B 216 -12.37 4.09 4.69
C GLU B 216 -12.10 2.65 4.23
N LYS B 217 -13.14 1.93 3.81
CA LYS B 217 -12.96 0.58 3.30
C LYS B 217 -12.16 0.57 2.00
N LEU B 218 -12.39 1.56 1.12
CA LEU B 218 -11.63 1.64 -0.12
C LEU B 218 -10.16 1.97 0.13
N SER B 219 -9.89 2.85 1.09
CA SER B 219 -8.54 3.37 1.26
C SER B 219 -7.73 2.62 2.29
N GLY B 220 -8.38 1.81 3.13
CA GLY B 220 -7.73 1.20 4.27
C GLY B 220 -7.33 2.17 5.35
N LEU B 221 -8.01 3.33 5.45
CA LEU B 221 -7.68 4.37 6.42
C LEU B 221 -8.88 4.63 7.33
N VAL B 222 -8.58 5.14 8.53
CA VAL B 222 -9.58 5.71 9.43
C VAL B 222 -9.30 7.20 9.54
N PHE B 223 -10.23 8.02 9.05
CA PHE B 223 -10.09 9.46 9.07
C PHE B 223 -10.63 10.04 10.37
N PHE B 224 -10.00 11.13 10.82
CA PHE B 224 -10.45 11.90 11.98
C PHE B 224 -10.88 10.94 13.09
N PRO B 225 -9.99 10.07 13.55
CA PRO B 225 -10.40 9.03 14.51
C PRO B 225 -10.85 9.57 15.85
N HIS B 226 -10.46 10.78 16.22
CA HIS B 226 -10.92 11.35 17.48
C HIS B 226 -12.36 11.83 17.39
N LEU B 227 -12.81 12.10 16.17
CA LEU B 227 -14.17 12.54 15.94
C LEU B 227 -15.15 11.52 16.50
N ASP B 228 -16.08 11.98 17.33
CA ASP B 228 -17.02 11.10 18.01
C ASP B 228 -18.17 10.79 17.06
N ARG B 229 -18.19 9.55 16.56
CA ARG B 229 -19.17 9.16 15.55
C ARG B 229 -20.50 8.74 16.14
N THR B 230 -20.63 8.72 17.47
CA THR B 230 -21.93 8.57 18.09
C THR B 230 -22.65 9.90 18.22
N SER B 231 -21.92 11.01 18.24
CA SER B 231 -22.53 12.32 18.26
C SER B 231 -23.15 12.63 16.90
N ASP B 232 -23.94 13.68 16.86
CA ASP B 232 -24.55 14.10 15.61
C ASP B 232 -23.50 14.84 14.79
N ILE B 233 -23.27 14.36 13.57
CA ILE B 233 -22.40 15.01 12.59
C ILE B 233 -23.22 15.20 11.33
N ARG B 234 -23.27 16.43 10.83
CA ARG B 234 -24.09 16.75 9.69
C ARG B 234 -23.36 16.48 8.38
N ASN B 235 -24.15 16.07 7.38
CA ASN B 235 -23.68 16.00 6.00
C ASN B 235 -23.36 17.41 5.51
N ILE B 236 -22.12 17.63 5.06
CA ILE B 236 -21.70 18.97 4.68
C ILE B 236 -22.50 19.48 3.49
N CYS B 237 -22.99 18.57 2.63
CA CYS B 237 -23.76 18.99 1.47
C CYS B 237 -25.22 19.30 1.83
N SER B 238 -25.64 19.01 3.05
CA SER B 238 -26.95 19.43 3.51
C SER B 238 -26.87 20.75 4.26
N VAL B 239 -25.89 20.90 5.16
CA VAL B 239 -25.81 22.14 5.92
C VAL B 239 -25.14 23.24 5.11
N ASP B 240 -24.24 22.88 4.18
CA ASP B 240 -23.62 23.82 3.26
C ASP B 240 -24.03 23.47 1.84
N THR B 241 -23.31 23.97 0.84
CA THR B 241 -23.80 23.97 -0.54
C THR B 241 -23.25 22.83 -1.39
N CYS B 242 -22.01 22.40 -1.13
CA CYS B 242 -21.26 21.54 -2.03
C CYS B 242 -21.40 22.03 -3.47
N LYS B 243 -21.43 23.35 -3.65
CA LYS B 243 -21.63 23.95 -4.97
C LYS B 243 -20.30 24.49 -5.47
N LEU B 244 -19.74 23.84 -6.49
CA LEU B 244 -18.53 24.33 -7.14
C LEU B 244 -18.85 25.53 -8.03
N LEU B 245 -17.81 26.31 -8.33
CA LEU B 245 -17.96 27.41 -9.29
C LEU B 245 -18.44 26.86 -10.63
N ASP B 246 -19.38 27.57 -11.25
CA ASP B 246 -19.87 27.16 -12.56
C ASP B 246 -18.92 27.68 -13.63
N PHE B 247 -19.23 27.38 -14.91
CA PHE B 247 -18.30 27.70 -15.98
C PHE B 247 -18.01 29.20 -16.03
N GLN B 248 -19.04 30.03 -15.89
CA GLN B 248 -18.84 31.47 -15.98
C GLN B 248 -17.97 31.98 -14.83
N GLU B 249 -18.30 31.58 -13.60
CA GLU B 249 -17.53 32.04 -12.45
C GLU B 249 -16.10 31.54 -12.53
N PHE B 250 -15.91 30.27 -12.89
CA PHE B 250 -14.57 29.70 -12.94
C PHE B 250 -13.75 30.33 -14.06
N THR B 251 -14.37 30.57 -15.21
CA THR B 251 -13.65 31.20 -16.32
C THR B 251 -13.28 32.64 -15.98
N LEU B 252 -14.21 33.38 -15.37
CA LEU B 252 -13.88 34.71 -14.88
C LEU B 252 -12.72 34.65 -13.89
N TYR B 253 -12.74 33.69 -12.97
CA TYR B 253 -11.65 33.55 -12.02
C TYR B 253 -10.32 33.32 -12.74
N LEU B 254 -10.31 32.38 -13.69
CA LEU B 254 -9.06 32.06 -14.39
C LEU B 254 -8.57 33.24 -15.23
N SER B 255 -9.49 33.97 -15.84
CA SER B 255 -9.09 35.12 -16.66
C SER B 255 -8.50 36.22 -15.79
N THR B 256 -9.09 36.44 -14.62
CA THR B 256 -8.54 37.43 -13.68
C THR B 256 -7.12 37.06 -13.29
N ARG B 257 -6.89 35.78 -12.97
CA ARG B 257 -5.56 35.33 -12.61
C ARG B 257 -4.55 35.57 -13.73
N LYS B 258 -4.97 35.36 -14.98
CA LYS B 258 -4.08 35.55 -16.12
C LYS B 258 -3.64 37.00 -16.30
N ILE B 259 -4.42 37.95 -15.82
CA ILE B 259 -4.05 39.35 -15.92
C ILE B 259 -2.66 39.57 -15.34
N GLU B 260 -2.43 39.03 -14.14
CA GLU B 260 -1.24 39.37 -13.37
C GLU B 260 0.04 38.89 -14.03
N GLY B 261 -0.04 37.91 -14.92
CA GLY B 261 1.12 37.46 -15.67
C GLY B 261 1.25 38.06 -17.04
N ALA B 262 0.30 38.88 -17.48
CA ALA B 262 0.39 39.45 -18.82
C ALA B 262 1.60 40.37 -18.91
N ARG B 263 2.40 40.18 -19.96
CA ARG B 263 3.61 40.97 -20.16
C ARG B 263 3.47 42.00 -21.28
N SER B 264 2.29 42.12 -21.88
CA SER B 264 2.08 43.12 -22.93
C SER B 264 0.62 43.53 -22.92
N VAL B 265 0.36 44.73 -23.47
CA VAL B 265 -1.00 45.22 -23.57
C VAL B 265 -1.84 44.33 -24.48
N LEU B 266 -1.21 43.77 -25.52
CA LEU B 266 -1.95 42.92 -26.44
C LEU B 266 -2.50 41.68 -25.74
N ARG B 267 -1.69 41.07 -24.86
CA ARG B 267 -2.16 39.92 -24.10
C ARG B 267 -3.37 40.29 -23.24
N LEU B 268 -3.33 41.47 -22.62
CA LEU B 268 -4.45 41.90 -21.79
C LEU B 268 -5.73 42.02 -22.62
N GLU B 269 -5.65 42.71 -23.76
CA GLU B 269 -6.82 42.85 -24.61
C GLU B 269 -7.34 41.49 -25.06
N LYS B 270 -6.44 40.57 -25.37
CA LYS B 270 -6.85 39.21 -25.72
C LYS B 270 -7.67 38.59 -24.59
N ILE B 271 -7.16 38.66 -23.36
CA ILE B 271 -7.89 38.11 -22.21
C ILE B 271 -9.29 38.70 -22.16
N MET B 272 -9.40 40.02 -22.33
CA MET B 272 -10.71 40.67 -22.33
C MET B 272 -11.58 40.12 -23.45
N GLU B 273 -11.03 40.01 -24.66
CA GLU B 273 -11.84 39.60 -25.80
C GLU B 273 -12.33 38.16 -25.64
N ASN B 274 -11.48 37.28 -25.10
CA ASN B 274 -11.92 35.91 -24.84
C ASN B 274 -13.11 35.91 -23.88
N LEU B 275 -12.99 36.66 -22.78
CA LEU B 275 -14.09 36.79 -21.85
C LEU B 275 -15.34 37.34 -22.53
N LYS B 276 -15.18 38.35 -23.39
CA LYS B 276 -16.33 38.90 -24.09
C LYS B 276 -16.89 37.92 -25.12
N ASN B 277 -16.02 37.12 -25.76
CA ASN B 277 -16.51 36.15 -26.73
C ASN B 277 -17.22 34.99 -26.03
N ALA B 278 -16.83 34.67 -24.80
CA ALA B 278 -17.56 33.69 -24.00
C ALA B 278 -18.83 34.27 -23.41
N GLU B 279 -19.15 35.53 -23.72
CA GLU B 279 -20.35 36.19 -23.21
C GLU B 279 -20.35 36.28 -21.69
N ILE B 280 -19.16 36.42 -21.11
CA ILE B 280 -18.99 36.60 -19.67
C ILE B 280 -18.64 38.06 -19.42
N GLU B 281 -19.46 38.73 -18.60
CA GLU B 281 -19.20 40.14 -18.29
C GLU B 281 -18.19 40.24 -17.16
N PRO B 282 -17.13 41.06 -17.31
CA PRO B 282 -16.20 41.25 -16.18
C PRO B 282 -16.90 41.85 -14.98
N ASP B 283 -16.50 41.39 -13.80
CA ASP B 283 -16.99 42.00 -12.57
C ASP B 283 -16.06 43.13 -12.14
N ASP B 284 -16.40 43.80 -11.04
CA ASP B 284 -15.62 44.95 -10.60
C ASP B 284 -14.18 44.57 -10.32
N TYR B 285 -13.95 43.37 -9.79
CA TYR B 285 -12.58 42.99 -9.43
C TYR B 285 -11.73 42.80 -10.68
N PHE B 286 -12.26 42.08 -11.67
CA PHE B 286 -11.52 41.92 -12.93
C PHE B 286 -11.14 43.28 -13.51
N MET B 287 -12.10 44.21 -13.55
CA MET B 287 -11.82 45.52 -14.14
C MET B 287 -10.80 46.30 -13.34
N SER B 288 -10.79 46.14 -12.01
CA SER B 288 -9.75 46.78 -11.21
C SER B 288 -8.39 46.26 -11.60
N ARG B 289 -8.19 44.94 -11.53
CA ARG B 289 -6.90 44.35 -11.88
C ARG B 289 -6.54 44.65 -13.33
N TYR B 290 -7.53 44.63 -14.22
CA TYR B 290 -7.24 44.87 -15.63
C TYR B 290 -6.72 46.28 -15.85
N GLU B 291 -7.37 47.28 -15.25
CA GLU B 291 -6.95 48.66 -15.44
C GLU B 291 -5.61 48.93 -14.77
N LYS B 292 -5.33 48.29 -13.62
CA LYS B 292 -4.03 48.51 -12.98
C LYS B 292 -2.92 47.88 -13.81
N LYS B 293 -3.17 46.72 -14.42
CA LYS B 293 -2.15 46.08 -15.23
C LYS B 293 -1.88 46.88 -16.49
N LEU B 294 -2.92 47.45 -17.09
CA LEU B 294 -2.73 48.29 -18.25
C LEU B 294 -1.80 49.46 -17.92
N GLU B 295 -2.06 50.13 -16.78
CA GLU B 295 -1.23 51.27 -16.40
C GLU B 295 0.18 50.83 -16.07
N GLU B 296 0.33 49.69 -15.40
CA GLU B 296 1.66 49.16 -15.10
C GLU B 296 2.44 48.91 -16.38
N LEU B 297 1.83 48.21 -17.33
CA LEU B 297 2.55 47.90 -18.56
C LEU B 297 2.87 49.16 -19.35
N LYS B 298 2.00 50.17 -19.32
CA LYS B 298 2.30 51.43 -19.99
C LYS B 298 3.50 52.14 -19.37
N ALA B 299 3.77 51.87 -18.09
CA ALA B 299 4.86 52.52 -17.38
C ALA B 299 6.17 51.72 -17.39
N LYS B 300 6.24 50.64 -18.16
CA LYS B 300 7.44 49.81 -18.21
C LYS B 300 7.95 49.68 -19.63
N GLU B 301 9.24 49.35 -19.72
CA GLU B 301 9.96 49.29 -21.00
C GLU B 301 9.37 48.24 -21.94
S SO4 C . 3.10 -27.17 6.97
O1 SO4 C . 3.81 -27.85 5.89
O2 SO4 C . 3.65 -25.81 7.13
O3 SO4 C . 1.69 -27.06 6.63
O4 SO4 C . 3.23 -27.93 8.21
S SO4 D . -7.22 -23.40 0.96
O1 SO4 D . -6.01 -24.17 0.70
O2 SO4 D . -6.99 -22.02 0.58
O3 SO4 D . -8.32 -23.95 0.16
O4 SO4 D . -7.56 -23.45 2.37
MG MG E . 1.76 -22.72 2.38
S SO4 F . -2.90 27.27 -6.35
O1 SO4 F . -1.66 26.99 -7.06
O2 SO4 F . -2.80 28.55 -5.68
O3 SO4 F . -4.00 27.32 -7.31
O4 SO4 F . -3.17 26.22 -5.34
S SO4 G . 3.55 20.16 -14.20
O1 SO4 G . 4.68 21.01 -14.56
O2 SO4 G . 2.94 19.64 -15.42
O3 SO4 G . 2.56 20.94 -13.46
O4 SO4 G . 4.00 19.06 -13.40
MG MG H . -3.36 21.11 -8.27
#